data_4G20
#
_entry.id   4G20
#
_cell.length_a   66.497
_cell.length_b   66.497
_cell.length_c   262.551
_cell.angle_alpha   90.00
_cell.angle_beta   90.00
_cell.angle_gamma   120.00
#
_symmetry.space_group_name_H-M   'P 65 2 2'
#
loop_
_entity.id
_entity.type
_entity.pdbx_description
1 polymer 'Vitamin D3 receptor A'
2 polymer 'Nuclear receptor coactivator 1'
3 non-polymer "3-(5'-{2-[3,4-bis(hydroxymethyl)phenyl]ethyl}-2'-methyl-2-propylbiphenyl-4-yl)pentan-3-ol"
4 water water
#
loop_
_entity_poly.entity_id
_entity_poly.type
_entity_poly.pdbx_seq_one_letter_code
_entity_poly.pdbx_strand_id
1 'polypeptide(L)'
;HMLSDEQMQIINSLVEAHHKTYDDSYSDFVRFRPPVREGPVTRSASRAASLHSLSDASSDSFNHSPESVDTKLNFSNLLM
MYQDSGSPDSSEEDQQSRLSMLPHLADLVSYSIQKVIGFAKMIPGFRDLTAEDQIALLKSSAIEIIMLRSNQSFSLEDMS
WSCGGPDFKYCINDVTKAGHTLELLEPLVKFQVGLKKLKLHEEEHVLLMAICLLSPDRPGVQDHVRIEALQDRLCDVLQA
YIRIQHPGGRLLYAKMIQKLADLRSLNEEHSKQYRSLSFQPEHSMQLTPLVLEVFGSEVS
;
A
2 'polypeptide(L)' RHKILHRLLQEGSPS B
#
# COMPACT_ATOMS: atom_id res chain seq x y z
N LEU A 3 -26.36 3.97 6.39
CA LEU A 3 -25.42 4.94 5.77
C LEU A 3 -26.21 6.13 5.23
N SER A 4 -25.54 7.26 5.04
CA SER A 4 -26.19 8.44 4.50
C SER A 4 -25.71 8.58 3.06
N ASP A 5 -26.15 9.64 2.39
CA ASP A 5 -25.72 9.85 1.02
C ASP A 5 -24.25 10.24 0.97
N GLU A 6 -23.87 11.19 1.83
CA GLU A 6 -22.50 11.65 1.89
C GLU A 6 -21.54 10.48 2.11
N GLN A 7 -21.93 9.58 3.02
CA GLN A 7 -21.12 8.41 3.32
C GLN A 7 -20.94 7.55 2.09
N MET A 8 -22.06 7.20 1.47
CA MET A 8 -22.06 6.38 0.26
C MET A 8 -21.23 7.01 -0.85
N GLN A 9 -21.38 8.32 -1.04
CA GLN A 9 -20.63 9.02 -2.09
C GLN A 9 -19.14 8.81 -1.93
N ILE A 10 -18.69 8.71 -0.68
CA ILE A 10 -17.27 8.49 -0.39
C ILE A 10 -16.88 7.07 -0.81
N ILE A 11 -17.81 6.13 -0.64
CA ILE A 11 -17.56 4.75 -1.02
C ILE A 11 -17.43 4.65 -2.54
N ASN A 12 -18.38 5.24 -3.26
CA ASN A 12 -18.34 5.21 -4.72
C ASN A 12 -17.08 5.92 -5.19
N SER A 13 -16.65 6.92 -4.42
CA SER A 13 -15.46 7.69 -4.78
C SER A 13 -14.19 6.88 -4.62
N LEU A 14 -14.05 6.20 -3.49
CA LEU A 14 -12.87 5.39 -3.25
C LEU A 14 -12.80 4.20 -4.20
N VAL A 15 -13.93 3.51 -4.36
CA VAL A 15 -14.01 2.35 -5.23
C VAL A 15 -13.62 2.67 -6.66
N GLU A 16 -14.10 3.81 -7.19
CA GLU A 16 -13.74 4.16 -8.55
C GLU A 16 -12.25 4.49 -8.65
N ALA A 17 -11.71 5.11 -7.60
CA ALA A 17 -10.31 5.48 -7.58
C ALA A 17 -9.45 4.22 -7.61
N HIS A 18 -9.90 3.19 -6.90
CA HIS A 18 -9.17 1.93 -6.87
C HIS A 18 -9.15 1.28 -8.24
N HIS A 19 -10.32 1.18 -8.86
CA HIS A 19 -10.43 0.59 -10.18
C HIS A 19 -9.54 1.32 -11.18
N LYS A 20 -9.51 2.65 -11.07
CA LYS A 20 -8.71 3.45 -11.98
C LYS A 20 -7.21 3.28 -11.74
N THR A 21 -6.85 2.80 -10.54
CA THR A 21 -5.45 2.60 -10.21
C THR A 21 -5.04 1.17 -9.95
N TYR A 22 -5.89 0.22 -10.35
CA TYR A 22 -5.56 -1.18 -10.17
C TYR A 22 -6.03 -1.98 -11.38
N ASP A 23 -5.06 -2.39 -12.19
CA ASP A 23 -5.31 -3.16 -13.40
C ASP A 23 -5.36 -4.65 -13.09
N ASP A 24 -6.55 -5.22 -13.15
CA ASP A 24 -6.74 -6.64 -12.87
C ASP A 24 -6.11 -7.55 -13.92
N SER A 25 -5.68 -6.97 -15.03
CA SER A 25 -5.04 -7.76 -16.08
C SER A 25 -3.55 -7.82 -15.80
N TYR A 26 -3.06 -6.86 -15.01
CA TYR A 26 -1.64 -6.80 -14.66
C TYR A 26 -0.84 -6.74 -15.95
N SER A 27 -1.44 -6.13 -16.98
CA SER A 27 -0.80 -6.04 -18.27
C SER A 27 0.45 -5.17 -18.31
N ASP A 28 0.61 -4.30 -17.32
CA ASP A 28 1.77 -3.41 -17.28
C ASP A 28 3.06 -4.07 -16.78
N PHE A 29 2.94 -5.26 -16.20
CA PHE A 29 4.09 -6.00 -15.69
C PHE A 29 5.05 -6.43 -16.79
N VAL A 30 4.53 -6.58 -18.00
CA VAL A 30 5.38 -7.01 -19.11
C VAL A 30 6.42 -5.95 -19.44
N ARG A 31 6.25 -4.75 -18.89
CA ARG A 31 7.19 -3.68 -19.17
C ARG A 31 8.23 -3.44 -18.07
N PHE A 32 8.20 -4.26 -17.01
CA PHE A 32 9.18 -4.15 -15.93
C PHE A 32 10.41 -4.93 -16.39
N ARG A 33 11.56 -4.68 -15.77
CA ARG A 33 12.74 -5.43 -16.13
C ARG A 33 12.41 -6.87 -15.76
N PRO A 34 12.57 -7.80 -16.72
CA PRO A 34 12.28 -9.22 -16.54
C PRO A 34 12.71 -9.87 -15.23
N PRO A 35 11.88 -10.81 -14.72
CA PRO A 35 12.11 -11.56 -13.49
C PRO A 35 13.23 -12.56 -13.72
N VAL A 36 14.00 -12.88 -12.68
CA VAL A 36 15.09 -13.84 -12.84
C VAL A 36 15.24 -14.77 -11.64
N ARG A 37 14.98 -16.06 -11.87
CA ARG A 37 15.10 -17.07 -10.83
C ARG A 37 16.23 -18.05 -11.19
N ARG A 98 21.84 -13.75 -5.82
CA ARG A 98 22.57 -12.51 -5.91
C ARG A 98 21.63 -11.34 -6.21
N LEU A 99 20.44 -11.38 -5.60
CA LEU A 99 19.43 -10.33 -5.80
C LEU A 99 18.98 -10.21 -7.25
N SER A 100 18.71 -11.35 -7.88
CA SER A 100 18.27 -11.39 -9.26
C SER A 100 16.87 -10.84 -9.46
N MET A 101 16.05 -10.91 -8.41
CA MET A 101 14.68 -10.43 -8.46
C MET A 101 14.54 -8.96 -8.10
N LEU A 102 15.65 -8.29 -7.79
CA LEU A 102 15.60 -6.88 -7.41
C LEU A 102 15.13 -5.98 -8.55
N PRO A 103 15.76 -6.09 -9.72
CA PRO A 103 15.32 -5.23 -10.83
C PRO A 103 13.80 -5.30 -11.05
N HIS A 104 13.28 -6.51 -11.22
CA HIS A 104 11.85 -6.69 -11.45
C HIS A 104 10.97 -6.18 -10.31
N LEU A 105 11.30 -6.53 -9.08
CA LEU A 105 10.50 -6.10 -7.94
C LEU A 105 10.62 -4.61 -7.64
N ALA A 106 11.78 -4.04 -7.92
CA ALA A 106 11.98 -2.61 -7.69
C ALA A 106 11.10 -1.85 -8.68
N ASP A 107 10.86 -2.46 -9.84
CA ASP A 107 10.01 -1.84 -10.84
C ASP A 107 8.55 -2.10 -10.51
N LEU A 108 8.28 -3.24 -9.89
CA LEU A 108 6.93 -3.57 -9.49
C LEU A 108 6.53 -2.59 -8.41
N VAL A 109 7.43 -2.39 -7.45
CA VAL A 109 7.16 -1.46 -6.35
C VAL A 109 7.13 -0.01 -6.83
N SER A 110 8.06 0.38 -7.69
CA SER A 110 8.07 1.75 -8.19
C SER A 110 6.74 2.02 -8.87
N TYR A 111 6.30 1.03 -9.66
CA TYR A 111 5.03 1.11 -10.37
C TYR A 111 3.88 1.27 -9.38
N SER A 112 3.89 0.46 -8.32
CA SER A 112 2.86 0.48 -7.30
C SER A 112 2.76 1.83 -6.60
N ILE A 113 3.90 2.44 -6.30
CA ILE A 113 3.92 3.73 -5.64
C ILE A 113 3.16 4.73 -6.51
N GLN A 114 3.35 4.65 -7.82
CA GLN A 114 2.68 5.54 -8.75
C GLN A 114 1.17 5.36 -8.65
N LYS A 115 0.76 4.14 -8.36
CA LYS A 115 -0.67 3.83 -8.24
C LYS A 115 -1.24 4.34 -6.93
N VAL A 116 -0.45 4.20 -5.87
CA VAL A 116 -0.86 4.66 -4.56
C VAL A 116 -1.00 6.18 -4.56
N ILE A 117 -0.13 6.86 -5.30
CA ILE A 117 -0.20 8.32 -5.37
C ILE A 117 -1.46 8.68 -6.14
N GLY A 118 -1.74 7.91 -7.19
CA GLY A 118 -2.92 8.14 -8.01
C GLY A 118 -4.20 7.91 -7.23
N PHE A 119 -4.16 6.90 -6.35
CA PHE A 119 -5.30 6.58 -5.52
C PHE A 119 -5.49 7.69 -4.49
N ALA A 120 -4.40 8.02 -3.79
CA ALA A 120 -4.41 9.05 -2.77
C ALA A 120 -4.99 10.39 -3.25
N LYS A 121 -4.60 10.79 -4.46
CA LYS A 121 -5.08 12.05 -5.02
C LYS A 121 -6.60 12.08 -5.19
N MET A 122 -7.23 10.93 -5.10
CA MET A 122 -8.68 10.85 -5.25
C MET A 122 -9.42 10.65 -3.94
N ILE A 123 -8.71 10.40 -2.86
CA ILE A 123 -9.37 10.25 -1.58
C ILE A 123 -9.96 11.63 -1.28
N PRO A 124 -11.28 11.70 -1.05
CA PRO A 124 -11.93 12.99 -0.76
C PRO A 124 -11.31 13.73 0.42
N GLY A 125 -10.80 14.94 0.14
CA GLY A 125 -10.18 15.73 1.18
C GLY A 125 -8.66 15.78 1.07
N PHE A 126 -8.06 14.63 0.77
CA PHE A 126 -6.62 14.53 0.65
C PHE A 126 -6.05 15.63 -0.23
N ARG A 127 -6.66 15.81 -1.40
CA ARG A 127 -6.25 16.83 -2.37
C ARG A 127 -6.20 18.23 -1.76
N ASP A 128 -6.95 18.42 -0.67
CA ASP A 128 -7.00 19.72 -0.02
C ASP A 128 -5.98 19.90 1.09
N LEU A 129 -5.23 18.85 1.39
CA LEU A 129 -4.21 18.94 2.41
C LEU A 129 -3.03 19.73 1.83
N THR A 130 -2.09 20.11 2.67
CA THR A 130 -0.93 20.87 2.20
C THR A 130 0.01 19.96 1.40
N ALA A 131 0.59 20.49 0.34
CA ALA A 131 1.50 19.70 -0.50
C ALA A 131 2.51 18.97 0.38
N GLU A 132 2.84 19.57 1.51
CA GLU A 132 3.80 18.96 2.42
C GLU A 132 3.15 17.83 3.19
N ASP A 133 1.88 18.01 3.59
CA ASP A 133 1.16 16.97 4.33
C ASP A 133 0.96 15.76 3.42
N GLN A 134 0.70 16.04 2.14
CA GLN A 134 0.50 14.99 1.16
C GLN A 134 1.73 14.12 1.04
N ILE A 135 2.89 14.75 0.94
CA ILE A 135 4.15 14.02 0.84
C ILE A 135 4.45 13.24 2.12
N ALA A 136 4.21 13.88 3.27
CA ALA A 136 4.45 13.26 4.57
C ALA A 136 3.64 11.98 4.75
N LEU A 137 2.35 12.05 4.44
CA LEU A 137 1.46 10.90 4.56
C LEU A 137 1.90 9.82 3.57
N LEU A 138 2.24 10.24 2.36
CA LEU A 138 2.67 9.34 1.31
C LEU A 138 4.00 8.65 1.59
N LYS A 139 5.04 9.41 1.91
CA LYS A 139 6.34 8.81 2.17
C LYS A 139 6.35 7.77 3.28
N SER A 140 5.54 7.98 4.31
CA SER A 140 5.50 7.06 5.44
C SER A 140 4.50 5.91 5.35
N SER A 141 3.38 6.12 4.65
CA SER A 141 2.38 5.06 4.55
C SER A 141 2.37 4.32 3.21
N ALA A 142 3.27 4.70 2.30
CA ALA A 142 3.36 4.08 0.99
C ALA A 142 3.56 2.56 1.04
N ILE A 143 4.55 2.10 1.81
CA ILE A 143 4.82 0.68 1.92
C ILE A 143 3.60 -0.08 2.44
N GLU A 144 2.88 0.53 3.37
CA GLU A 144 1.71 -0.09 3.95
C GLU A 144 0.58 -0.23 2.95
N ILE A 145 0.36 0.80 2.15
CA ILE A 145 -0.69 0.77 1.14
C ILE A 145 -0.39 -0.30 0.09
N ILE A 146 0.90 -0.47 -0.21
CA ILE A 146 1.34 -1.45 -1.19
C ILE A 146 1.18 -2.86 -0.63
N MET A 147 1.30 -3.02 0.68
CA MET A 147 1.13 -4.32 1.32
C MET A 147 -0.35 -4.65 1.38
N LEU A 148 -1.17 -3.62 1.41
CA LEU A 148 -2.62 -3.79 1.45
C LEU A 148 -3.19 -4.09 0.08
N ARG A 149 -2.79 -3.30 -0.91
CA ARG A 149 -3.30 -3.49 -2.27
C ARG A 149 -2.77 -4.76 -2.93
N SER A 150 -1.62 -5.22 -2.48
CA SER A 150 -1.02 -6.43 -3.03
C SER A 150 -1.86 -7.63 -2.66
N ASN A 151 -2.55 -7.55 -1.53
CA ASN A 151 -3.37 -8.65 -1.05
C ASN A 151 -4.44 -9.08 -2.05
N GLN A 152 -4.86 -8.14 -2.90
CA GLN A 152 -5.87 -8.46 -3.90
C GLN A 152 -5.37 -9.50 -4.91
N SER A 153 -4.09 -9.87 -4.82
CA SER A 153 -3.51 -10.85 -5.74
C SER A 153 -2.82 -12.00 -5.00
N PHE A 154 -2.88 -11.96 -3.68
CA PHE A 154 -2.25 -13.01 -2.88
C PHE A 154 -3.17 -14.22 -2.86
N SER A 155 -2.61 -15.39 -3.13
CA SER A 155 -3.40 -16.63 -3.13
C SER A 155 -3.00 -17.53 -1.98
N LEU A 156 -3.99 -17.89 -1.17
CA LEU A 156 -3.75 -18.76 -0.02
C LEU A 156 -3.31 -20.14 -0.47
N GLU A 157 -3.74 -20.53 -1.68
CA GLU A 157 -3.40 -21.82 -2.23
C GLU A 157 -1.89 -21.98 -2.37
N ASP A 158 -1.31 -21.32 -3.36
CA ASP A 158 0.13 -21.41 -3.59
C ASP A 158 0.95 -20.40 -2.79
N MET A 159 0.37 -19.88 -1.71
CA MET A 159 1.03 -18.90 -0.84
C MET A 159 1.97 -17.98 -1.61
N SER A 160 1.43 -17.33 -2.64
CA SER A 160 2.20 -16.43 -3.46
C SER A 160 1.30 -15.36 -4.06
N TRP A 161 1.90 -14.46 -4.82
CA TRP A 161 1.19 -13.38 -5.48
C TRP A 161 1.08 -13.72 -6.96
N SER A 162 -0.13 -14.05 -7.40
CA SER A 162 -0.35 -14.40 -8.80
C SER A 162 -0.84 -13.18 -9.60
N CYS A 163 0.01 -12.68 -10.50
CA CYS A 163 -0.34 -11.49 -11.29
C CYS A 163 -0.44 -11.70 -12.80
N GLY A 164 -1.53 -12.30 -13.24
CA GLY A 164 -1.72 -12.53 -14.67
C GLY A 164 -1.10 -13.81 -15.19
N GLY A 165 0.20 -13.99 -14.96
CA GLY A 165 0.87 -15.19 -15.43
C GLY A 165 1.84 -15.82 -14.44
N PRO A 166 2.60 -16.84 -14.87
CA PRO A 166 3.58 -17.57 -14.08
C PRO A 166 4.86 -16.76 -13.83
N ASP A 167 5.26 -15.96 -14.82
CA ASP A 167 6.46 -15.14 -14.69
C ASP A 167 6.17 -14.14 -13.58
N PHE A 168 4.91 -13.72 -13.51
CA PHE A 168 4.47 -12.75 -12.53
C PHE A 168 3.74 -13.42 -11.37
N LYS A 169 4.39 -14.39 -10.76
CA LYS A 169 3.87 -15.11 -9.62
C LYS A 169 5.10 -15.20 -8.71
N TYR A 170 5.02 -14.61 -7.53
CA TYR A 170 6.18 -14.57 -6.65
C TYR A 170 6.06 -15.33 -5.34
N CYS A 171 6.74 -16.47 -5.25
CA CYS A 171 6.76 -17.30 -4.06
C CYS A 171 7.56 -16.56 -3.00
N ILE A 172 7.67 -17.14 -1.82
CA ILE A 172 8.44 -16.51 -0.75
C ILE A 172 9.90 -16.64 -1.19
N ASN A 173 10.13 -17.53 -2.14
CA ASN A 173 11.45 -17.77 -2.68
C ASN A 173 11.91 -16.60 -3.54
N ASP A 174 11.15 -16.32 -4.60
CA ASP A 174 11.45 -15.24 -5.53
C ASP A 174 11.77 -13.95 -4.78
N VAL A 175 10.89 -13.60 -3.85
CA VAL A 175 11.02 -12.38 -3.06
C VAL A 175 12.30 -12.30 -2.22
N THR A 176 12.86 -13.44 -1.87
CA THR A 176 14.08 -13.47 -1.06
C THR A 176 15.25 -12.90 -1.86
N LYS A 177 15.23 -13.15 -3.16
CA LYS A 177 16.26 -12.68 -4.07
C LYS A 177 16.09 -11.20 -4.41
N ALA A 178 15.35 -10.49 -3.57
CA ALA A 178 15.12 -9.07 -3.79
C ALA A 178 15.84 -8.26 -2.72
N GLY A 179 16.55 -8.96 -1.84
CA GLY A 179 17.28 -8.27 -0.79
C GLY A 179 16.63 -8.35 0.58
N HIS A 180 15.40 -8.86 0.63
CA HIS A 180 14.69 -8.97 1.91
C HIS A 180 14.84 -10.35 2.53
N THR A 181 14.92 -10.37 3.86
CA THR A 181 15.07 -11.60 4.62
C THR A 181 13.72 -12.08 5.11
N LEU A 182 13.71 -13.23 5.78
CA LEU A 182 12.48 -13.80 6.31
C LEU A 182 11.93 -12.91 7.43
N GLU A 183 12.82 -12.15 8.05
CA GLU A 183 12.43 -11.26 9.14
C GLU A 183 11.25 -10.37 8.69
N LEU A 184 11.16 -10.15 7.39
CA LEU A 184 10.09 -9.34 6.82
C LEU A 184 9.11 -10.27 6.12
N LEU A 185 9.64 -11.13 5.26
CA LEU A 185 8.83 -12.06 4.51
C LEU A 185 7.93 -12.94 5.36
N GLU A 186 8.42 -13.28 6.55
CA GLU A 186 7.64 -14.13 7.45
C GLU A 186 6.32 -13.46 7.86
N PRO A 187 6.39 -12.33 8.60
CA PRO A 187 5.15 -11.66 9.01
C PRO A 187 4.36 -11.11 7.83
N LEU A 188 5.06 -10.77 6.76
CA LEU A 188 4.40 -10.21 5.59
C LEU A 188 3.36 -11.20 5.08
N VAL A 189 3.77 -12.45 4.88
CA VAL A 189 2.86 -13.47 4.39
C VAL A 189 1.76 -13.72 5.42
N LYS A 190 2.17 -13.84 6.68
CA LYS A 190 1.23 -14.06 7.78
C LYS A 190 0.15 -12.99 7.71
N PHE A 191 0.59 -11.76 7.44
CA PHE A 191 -0.32 -10.62 7.34
C PHE A 191 -1.27 -10.83 6.17
N GLN A 192 -0.71 -11.25 5.04
CA GLN A 192 -1.49 -11.48 3.83
C GLN A 192 -2.54 -12.56 4.03
N VAL A 193 -2.20 -13.60 4.79
CA VAL A 193 -3.13 -14.69 5.04
C VAL A 193 -4.26 -14.23 5.96
N GLY A 194 -3.89 -13.71 7.13
CA GLY A 194 -4.87 -13.22 8.07
C GLY A 194 -5.83 -12.24 7.43
N LEU A 195 -5.28 -11.36 6.59
CA LEU A 195 -6.07 -10.36 5.90
C LEU A 195 -6.92 -10.98 4.80
N LYS A 196 -6.30 -11.86 4.03
CA LYS A 196 -6.97 -12.54 2.92
C LYS A 196 -8.18 -13.29 3.48
N LYS A 197 -8.05 -13.77 4.71
CA LYS A 197 -9.13 -14.51 5.36
C LYS A 197 -10.32 -13.65 5.79
N LEU A 198 -10.11 -12.37 6.03
CA LEU A 198 -11.21 -11.50 6.43
C LEU A 198 -12.21 -11.33 5.29
N LYS A 199 -11.83 -11.82 4.11
CA LYS A 199 -12.65 -11.75 2.91
C LYS A 199 -13.46 -10.47 2.84
N LEU A 200 -12.77 -9.35 2.96
CA LEU A 200 -13.41 -8.04 2.92
C LEU A 200 -14.04 -7.79 1.55
N HIS A 201 -14.93 -6.82 1.49
CA HIS A 201 -15.57 -6.46 0.25
C HIS A 201 -14.65 -5.42 -0.37
N GLU A 202 -14.89 -5.07 -1.63
CA GLU A 202 -14.07 -4.08 -2.29
C GLU A 202 -14.29 -2.73 -1.62
N GLU A 203 -15.52 -2.53 -1.13
CA GLU A 203 -15.89 -1.30 -0.45
C GLU A 203 -15.05 -1.12 0.81
N GLU A 204 -14.94 -2.18 1.59
CA GLU A 204 -14.19 -2.17 2.84
C GLU A 204 -12.69 -2.17 2.55
N HIS A 205 -12.29 -2.94 1.54
CA HIS A 205 -10.90 -3.04 1.14
C HIS A 205 -10.34 -1.67 0.79
N VAL A 206 -11.05 -0.94 -0.07
CA VAL A 206 -10.63 0.38 -0.50
C VAL A 206 -10.64 1.38 0.66
N LEU A 207 -11.56 1.21 1.61
CA LEU A 207 -11.66 2.10 2.76
C LEU A 207 -10.44 1.94 3.64
N LEU A 208 -10.14 0.69 4.01
CA LEU A 208 -9.00 0.40 4.84
C LEU A 208 -7.73 1.04 4.29
N MET A 209 -7.65 1.18 2.97
CA MET A 209 -6.48 1.79 2.35
C MET A 209 -6.48 3.30 2.61
N ALA A 210 -7.65 3.91 2.44
CA ALA A 210 -7.81 5.34 2.65
C ALA A 210 -7.64 5.69 4.13
N ILE A 211 -8.07 4.79 5.01
CA ILE A 211 -7.94 5.00 6.44
C ILE A 211 -6.48 4.97 6.82
N CYS A 212 -5.75 3.98 6.30
CA CYS A 212 -4.33 3.83 6.57
C CYS A 212 -3.51 5.00 6.01
N LEU A 213 -3.86 5.46 4.81
CA LEU A 213 -3.15 6.55 4.17
C LEU A 213 -3.39 7.89 4.87
N LEU A 214 -4.58 8.06 5.43
CA LEU A 214 -4.92 9.29 6.12
C LEU A 214 -4.76 9.21 7.62
N SER A 215 -3.61 8.69 8.07
CA SER A 215 -3.33 8.59 9.49
C SER A 215 -2.57 9.85 9.88
N PRO A 216 -3.00 10.53 10.95
CA PRO A 216 -2.32 11.74 11.39
C PRO A 216 -1.06 11.46 12.21
N ASP A 217 -0.89 10.22 12.65
CA ASP A 217 0.27 9.83 13.44
C ASP A 217 1.47 9.38 12.61
N ARG A 218 1.84 10.22 11.64
CA ARG A 218 2.96 9.93 10.77
C ARG A 218 4.03 11.00 10.94
N PRO A 219 5.31 10.61 10.95
CA PRO A 219 6.37 11.60 11.10
C PRO A 219 6.40 12.56 9.91
N GLY A 220 6.11 13.83 10.17
CA GLY A 220 6.12 14.82 9.12
C GLY A 220 4.83 15.62 9.05
N VAL A 221 3.74 15.00 9.50
CA VAL A 221 2.44 15.63 9.48
C VAL A 221 2.39 16.92 10.29
N GLN A 222 2.01 18.01 9.63
CA GLN A 222 1.90 19.32 10.27
C GLN A 222 0.50 19.47 10.85
N ASP A 223 -0.50 19.40 9.97
CA ASP A 223 -1.89 19.53 10.36
C ASP A 223 -2.45 18.21 10.91
N HIS A 224 -1.74 17.61 11.85
CA HIS A 224 -2.16 16.34 12.45
C HIS A 224 -3.48 16.40 13.21
N VAL A 225 -4.31 17.38 12.86
CA VAL A 225 -5.62 17.52 13.51
C VAL A 225 -6.73 17.44 12.46
N ARG A 226 -6.49 17.98 11.28
CA ARG A 226 -7.46 17.93 10.20
C ARG A 226 -7.45 16.51 9.63
N ILE A 227 -6.24 16.01 9.42
CA ILE A 227 -6.05 14.65 8.89
C ILE A 227 -6.69 13.71 9.91
N GLU A 228 -6.83 14.20 11.13
CA GLU A 228 -7.45 13.43 12.20
C GLU A 228 -8.94 13.36 11.90
N ALA A 229 -9.48 14.44 11.34
CA ALA A 229 -10.89 14.51 11.00
C ALA A 229 -11.20 13.55 9.85
N LEU A 230 -10.55 13.78 8.72
CA LEU A 230 -10.73 12.95 7.54
C LEU A 230 -10.71 11.46 7.89
N GLN A 231 -9.63 11.01 8.50
CA GLN A 231 -9.52 9.60 8.87
C GLN A 231 -10.75 9.12 9.64
N ASP A 232 -11.27 9.99 10.49
CA ASP A 232 -12.45 9.67 11.27
C ASP A 232 -13.68 9.58 10.38
N ARG A 233 -13.83 10.55 9.48
CA ARG A 233 -14.96 10.57 8.56
C ARG A 233 -14.99 9.27 7.75
N LEU A 234 -13.81 8.66 7.56
CA LEU A 234 -13.69 7.41 6.83
C LEU A 234 -13.95 6.21 7.73
N CYS A 235 -13.36 6.23 8.92
CA CYS A 235 -13.55 5.15 9.89
C CYS A 235 -15.02 4.90 10.15
N ASP A 236 -15.83 5.96 10.08
CA ASP A 236 -17.26 5.82 10.32
C ASP A 236 -17.89 5.07 9.16
N VAL A 237 -17.72 5.61 7.96
CA VAL A 237 -18.28 4.99 6.76
C VAL A 237 -18.00 3.49 6.79
N LEU A 238 -16.79 3.12 7.19
CA LEU A 238 -16.41 1.72 7.25
C LEU A 238 -17.19 1.00 8.35
N GLN A 239 -17.10 1.54 9.56
CA GLN A 239 -17.78 0.98 10.73
C GLN A 239 -19.26 0.77 10.44
N ALA A 240 -19.86 1.77 9.81
CA ALA A 240 -21.28 1.74 9.47
C ALA A 240 -21.54 0.63 8.45
N TYR A 241 -20.88 0.71 7.30
CA TYR A 241 -21.03 -0.29 6.24
C TYR A 241 -20.95 -1.71 6.81
N ILE A 242 -19.88 -1.99 7.55
CA ILE A 242 -19.68 -3.30 8.14
C ILE A 242 -20.87 -3.73 8.99
N ARG A 243 -21.52 -2.74 9.61
CA ARG A 243 -22.67 -3.00 10.46
C ARG A 243 -23.90 -3.32 9.62
N ILE A 244 -24.13 -2.52 8.58
CA ILE A 244 -25.28 -2.67 7.69
C ILE A 244 -25.10 -3.68 6.55
N GLN A 245 -24.09 -3.45 5.72
CA GLN A 245 -23.83 -4.28 4.55
C GLN A 245 -22.98 -5.53 4.70
N HIS A 246 -22.45 -5.83 5.89
CA HIS A 246 -21.63 -7.03 6.00
C HIS A 246 -22.08 -8.03 7.05
N PRO A 247 -22.99 -8.95 6.68
CA PRO A 247 -23.54 -9.99 7.55
C PRO A 247 -22.44 -10.90 8.10
N GLY A 248 -22.50 -11.18 9.39
CA GLY A 248 -21.50 -12.02 10.00
C GLY A 248 -20.31 -11.18 10.40
N GLY A 249 -20.29 -9.93 9.93
CA GLY A 249 -19.20 -9.03 10.25
C GLY A 249 -19.54 -8.12 11.42
N ARG A 250 -19.87 -8.73 12.56
CA ARG A 250 -20.23 -7.98 13.76
C ARG A 250 -18.97 -7.68 14.59
N LEU A 251 -17.85 -8.26 14.18
CA LEU A 251 -16.58 -8.06 14.89
C LEU A 251 -15.46 -7.69 13.92
N LEU A 252 -15.84 -7.43 12.66
CA LEU A 252 -14.88 -7.09 11.61
C LEU A 252 -14.06 -5.83 11.89
N TYR A 253 -14.73 -4.70 12.09
CA TYR A 253 -14.04 -3.44 12.34
C TYR A 253 -12.80 -3.62 13.21
N ALA A 254 -12.98 -4.23 14.38
CA ALA A 254 -11.87 -4.46 15.31
C ALA A 254 -10.73 -5.24 14.64
N LYS A 255 -11.08 -6.21 13.81
CA LYS A 255 -10.10 -7.02 13.11
C LYS A 255 -9.30 -6.16 12.14
N MET A 256 -10.02 -5.40 11.31
CA MET A 256 -9.37 -4.52 10.34
C MET A 256 -8.40 -3.56 11.02
N ILE A 257 -8.90 -2.80 11.99
CA ILE A 257 -8.07 -1.85 12.71
C ILE A 257 -6.83 -2.53 13.28
N GLN A 258 -6.99 -3.79 13.67
CA GLN A 258 -5.87 -4.53 14.21
C GLN A 258 -4.81 -4.72 13.11
N LYS A 259 -5.28 -4.78 11.87
CA LYS A 259 -4.39 -4.95 10.73
C LYS A 259 -3.55 -3.71 10.49
N LEU A 260 -4.16 -2.54 10.66
CA LEU A 260 -3.47 -1.28 10.46
C LEU A 260 -2.32 -1.16 11.46
N ALA A 261 -2.42 -1.92 12.55
CA ALA A 261 -1.40 -1.91 13.59
C ALA A 261 -0.26 -2.87 13.23
N ASP A 262 -0.58 -3.91 12.48
CA ASP A 262 0.43 -4.88 12.07
C ASP A 262 1.25 -4.29 10.94
N LEU A 263 0.63 -3.40 10.17
CA LEU A 263 1.29 -2.74 9.06
C LEU A 263 2.36 -1.79 9.59
N ARG A 264 2.31 -1.50 10.88
CA ARG A 264 3.28 -0.60 11.51
C ARG A 264 4.58 -1.32 11.82
N SER A 265 4.48 -2.55 12.32
CA SER A 265 5.68 -3.32 12.63
C SER A 265 6.35 -3.72 11.33
N LEU A 266 5.53 -4.01 10.31
CA LEU A 266 6.05 -4.39 9.01
C LEU A 266 6.74 -3.19 8.37
N ASN A 267 6.11 -2.03 8.50
CA ASN A 267 6.63 -0.78 7.94
C ASN A 267 8.05 -0.57 8.49
N GLU A 268 8.17 -0.76 9.80
CA GLU A 268 9.43 -0.60 10.50
C GLU A 268 10.49 -1.56 9.96
N GLU A 269 10.14 -2.85 9.91
CA GLU A 269 11.05 -3.88 9.44
C GLU A 269 11.58 -3.58 8.05
N HIS A 270 10.67 -3.28 7.12
CA HIS A 270 11.09 -2.97 5.77
C HIS A 270 12.03 -1.77 5.77
N SER A 271 11.75 -0.79 6.62
CA SER A 271 12.56 0.41 6.71
C SER A 271 14.01 0.12 7.04
N LYS A 272 14.23 -0.74 8.03
CA LYS A 272 15.59 -1.09 8.42
C LYS A 272 16.23 -1.87 7.29
N GLN A 273 15.54 -2.90 6.84
CA GLN A 273 16.06 -3.72 5.75
C GLN A 273 16.30 -2.88 4.51
N TYR A 274 15.49 -1.84 4.32
CA TYR A 274 15.66 -0.98 3.16
C TYR A 274 16.92 -0.13 3.29
N ARG A 275 17.19 0.41 4.49
CA ARG A 275 18.39 1.22 4.69
C ARG A 275 19.62 0.37 4.36
N SER A 276 19.64 -0.86 4.87
CA SER A 276 20.75 -1.77 4.63
C SER A 276 21.07 -1.88 3.15
N LEU A 277 20.06 -2.17 2.33
CA LEU A 277 20.26 -2.30 0.89
C LEU A 277 20.58 -0.94 0.29
N SER A 278 19.66 0.01 0.52
CA SER A 278 19.80 1.37 0.03
C SER A 278 21.21 1.93 0.17
N PHE A 279 21.88 1.60 1.26
CA PHE A 279 23.23 2.09 1.51
C PHE A 279 24.29 1.57 0.53
N GLN A 280 24.01 0.43 -0.10
CA GLN A 280 24.95 -0.16 -1.05
C GLN A 280 24.63 0.28 -2.47
N PRO A 281 25.50 1.09 -3.08
CA PRO A 281 25.32 1.60 -4.45
C PRO A 281 25.21 0.53 -5.53
N GLU A 282 25.77 -0.63 -5.29
CA GLU A 282 25.70 -1.71 -6.27
C GLU A 282 24.31 -2.32 -6.21
N HIS A 283 23.54 -1.88 -5.22
CA HIS A 283 22.18 -2.37 -5.04
C HIS A 283 21.18 -1.25 -5.27
N SER A 284 21.53 -0.04 -4.85
CA SER A 284 20.67 1.10 -5.01
C SER A 284 20.63 1.59 -6.46
N MET A 285 21.66 1.27 -7.22
CA MET A 285 21.69 1.69 -8.63
C MET A 285 20.70 0.84 -9.41
N GLN A 286 20.15 -0.15 -8.72
CA GLN A 286 19.17 -1.07 -9.28
C GLN A 286 17.74 -0.57 -9.06
N LEU A 287 17.60 0.34 -8.11
CA LEU A 287 16.31 0.92 -7.78
C LEU A 287 15.89 1.98 -8.82
N THR A 288 14.72 2.56 -8.61
CA THR A 288 14.19 3.58 -9.51
C THR A 288 14.23 4.94 -8.84
N PRO A 289 14.34 6.02 -9.63
CA PRO A 289 14.39 7.38 -9.08
C PRO A 289 13.21 7.66 -8.15
N LEU A 290 12.06 7.06 -8.43
CA LEU A 290 10.87 7.27 -7.60
C LEU A 290 10.95 6.50 -6.28
N VAL A 291 11.46 5.28 -6.33
CA VAL A 291 11.59 4.47 -5.12
C VAL A 291 12.57 5.10 -4.15
N LEU A 292 13.73 5.52 -4.66
CA LEU A 292 14.77 6.15 -3.86
C LEU A 292 14.24 7.38 -3.14
N GLU A 293 13.44 8.16 -3.85
CA GLU A 293 12.87 9.38 -3.30
C GLU A 293 11.78 9.15 -2.27
N VAL A 294 10.86 8.24 -2.55
CA VAL A 294 9.77 7.95 -1.61
C VAL A 294 10.23 7.14 -0.41
N PHE A 295 11.24 6.31 -0.59
CA PHE A 295 11.75 5.50 0.51
C PHE A 295 13.00 6.13 1.08
N GLY A 296 13.49 7.19 0.44
CA GLY A 296 14.67 7.87 0.93
C GLY A 296 14.27 8.67 2.15
N SER A 297 15.23 9.00 3.01
CA SER A 297 14.93 9.76 4.21
C SER A 297 15.16 11.27 4.11
N GLU A 298 15.24 11.78 2.88
CA GLU A 298 15.44 13.21 2.68
C GLU A 298 14.16 13.91 3.12
N VAL A 299 14.28 14.83 4.08
CA VAL A 299 13.12 15.55 4.58
C VAL A 299 12.90 16.85 3.81
N ARG B 1 14.22 18.68 -3.29
CA ARG B 1 13.84 17.34 -2.87
C ARG B 1 12.37 17.06 -3.09
N HIS B 2 12.05 15.80 -3.38
CA HIS B 2 10.67 15.38 -3.61
C HIS B 2 10.15 15.90 -4.96
N LYS B 3 11.08 16.15 -5.85
CA LYS B 3 10.78 16.64 -7.19
C LYS B 3 9.76 15.79 -7.94
N ILE B 4 9.94 14.47 -7.89
CA ILE B 4 9.05 13.53 -8.57
C ILE B 4 7.68 13.39 -7.92
N LEU B 5 7.63 13.41 -6.59
CA LEU B 5 6.37 13.28 -5.86
C LEU B 5 5.44 14.46 -6.14
N HIS B 6 6.01 15.63 -6.38
CA HIS B 6 5.20 16.81 -6.67
C HIS B 6 4.53 16.65 -8.03
N ARG B 7 5.34 16.50 -9.08
CA ARG B 7 4.83 16.33 -10.42
C ARG B 7 3.66 15.34 -10.45
N LEU B 8 3.80 14.25 -9.71
CA LEU B 8 2.76 13.22 -9.68
C LEU B 8 1.54 13.63 -8.85
N LEU B 9 1.74 14.55 -7.91
CA LEU B 9 0.65 15.00 -7.03
C LEU B 9 -0.10 16.24 -7.53
N GLN B 10 -0.08 16.50 -8.83
CA GLN B 10 -0.79 17.66 -9.37
C GLN B 10 -1.61 17.31 -10.60
#